data_2VNA
#
_entry.id   2VNA
#
_cell.length_a   70.335
_cell.length_b   83.505
_cell.length_c   72.585
_cell.angle_alpha   90.00
_cell.angle_beta   108.43
_cell.angle_gamma   90.00
#
_symmetry.space_group_name_H-M   'C 1 2 1'
#
loop_
_entity.id
_entity.type
_entity.pdbx_description
1 polymer 'PROSTAGLANDIN REDUCTASE 2'
2 non-polymer 'NADP NICOTINAMIDE-ADENINE-DINUCLEOTIDE PHOSPHATE'
3 water water
#
_entity_poly.entity_id   1
_entity_poly.type   'polypeptide(L)'
_entity_poly.pdbx_seq_one_letter_code
;MMIVQRVVLNSRPGKNGNPVAENFRMEEVYLPDNINEGQVQVRTLYLSVDPYMRCRMNEDTGTDYITPWQLSQVVDGGGI
GIIEESKHTNLTKGDFVTSFYWPWQTKVILDGNSLEKVDPQLVDGHLSYFLGAIGMPGLTSLIGIQEKGHITAGSNKTMV
VSGAAGACGSVAGQIGHFLGCSRVVGICGTHEKCILLTSELGFDAAINYKKDNVAEQLRESCPAGVDVYFDNVGGNISDT
VISQMNENSHIILCGQISQYNKDVPYPPPLSPAIEAIQKERNITRERFLVLNYKDKFEPGILQLSQWFKEGKLKIKETVI
NGLENMGAAFQSMMTGGNIGKQIVCISEEIAENLYFQ
;
_entity_poly.pdbx_strand_id   A
#
loop_
_chem_comp.id
_chem_comp.type
_chem_comp.name
_chem_comp.formula
NAP non-polymer 'NADP NICOTINAMIDE-ADENINE-DINUCLEOTIDE PHOSPHATE' 'C21 H28 N7 O17 P3'
#
# COMPACT_ATOMS: atom_id res chain seq x y z
N MET A 1 4.43 31.74 18.67
CA MET A 1 4.23 30.52 17.91
C MET A 1 5.51 29.71 17.83
N MET A 2 5.35 28.39 17.82
CA MET A 2 6.48 27.48 17.69
C MET A 2 6.86 27.31 16.22
N ILE A 3 8.11 26.93 15.97
CA ILE A 3 8.54 26.65 14.62
C ILE A 3 8.61 25.14 14.38
N VAL A 4 7.85 24.67 13.39
CA VAL A 4 7.82 23.27 13.02
C VAL A 4 8.28 23.06 11.58
N GLN A 5 8.44 21.80 11.16
CA GLN A 5 8.95 21.50 9.84
C GLN A 5 7.88 20.96 8.92
N ARG A 6 8.13 21.08 7.63
CA ARG A 6 7.09 20.87 6.63
C ARG A 6 7.71 20.42 5.32
N VAL A 7 7.00 19.55 4.60
CA VAL A 7 7.40 19.13 3.26
C VAL A 7 6.40 19.68 2.24
N VAL A 8 6.91 20.33 1.20
CA VAL A 8 6.06 20.83 0.14
C VAL A 8 6.47 20.26 -1.22
N LEU A 9 5.57 20.32 -2.20
CA LEU A 9 5.96 19.88 -3.53
C LEU A 9 6.84 20.94 -4.19
N ASN A 10 8.11 20.57 -4.36
CA ASN A 10 9.09 21.47 -4.91
C ASN A 10 9.04 21.51 -6.45
N SER A 11 8.82 20.36 -7.07
CA SER A 11 8.77 20.27 -8.53
C SER A 11 8.20 18.93 -9.05
N ARG A 12 7.74 18.95 -10.29
CA ARG A 12 7.10 17.78 -10.86
C ARG A 12 8.07 17.02 -11.75
N PRO A 13 8.05 15.67 -11.68
CA PRO A 13 9.01 14.92 -12.47
C PRO A 13 8.55 14.79 -13.91
N GLY A 14 7.31 15.21 -14.18
CA GLY A 14 6.73 15.06 -15.50
C GLY A 14 6.10 13.69 -15.63
N LYS A 15 4.99 13.62 -16.37
CA LYS A 15 4.20 12.41 -16.55
C LYS A 15 4.99 11.15 -16.89
N ASN A 16 6.08 11.31 -17.64
CA ASN A 16 6.95 10.19 -17.97
C ASN A 16 8.26 10.14 -17.21
N GLY A 17 8.38 10.94 -16.16
CA GLY A 17 9.64 11.03 -15.41
C GLY A 17 9.72 10.16 -14.16
N ASN A 18 10.94 9.98 -13.68
CA ASN A 18 11.14 9.28 -12.41
C ASN A 18 11.03 10.25 -11.24
N PRO A 19 10.39 9.80 -10.16
CA PRO A 19 10.25 10.59 -8.93
C PRO A 19 11.57 10.66 -8.18
N VAL A 20 11.98 11.87 -7.79
CA VAL A 20 13.22 12.03 -7.06
C VAL A 20 13.01 12.79 -5.76
N ALA A 21 13.88 12.52 -4.79
CA ALA A 21 13.86 13.21 -3.51
C ALA A 21 13.60 14.70 -3.68
N GLU A 22 14.28 15.30 -4.67
CA GLU A 22 14.27 16.76 -4.85
C GLU A 22 12.97 17.28 -5.44
N ASN A 23 12.02 16.38 -5.73
CA ASN A 23 10.70 16.82 -6.13
C ASN A 23 10.01 17.37 -4.89
N PHE A 24 10.61 17.12 -3.73
CA PHE A 24 10.12 17.61 -2.45
C PHE A 24 11.10 18.58 -1.77
N ARG A 25 10.55 19.49 -0.98
CA ARG A 25 11.33 20.51 -0.32
C ARG A 25 10.87 20.68 1.13
N MET A 26 11.84 20.67 2.04
CA MET A 26 11.64 20.97 3.46
C MET A 26 11.49 22.47 3.67
N GLU A 27 10.61 22.85 4.58
CA GLU A 27 10.46 24.25 4.95
C GLU A 27 10.23 24.31 6.44
N GLU A 28 10.30 25.50 7.00
CA GLU A 28 9.91 25.72 8.39
C GLU A 28 8.77 26.72 8.45
N VAL A 29 7.74 26.42 9.23
CA VAL A 29 6.62 27.31 9.36
C VAL A 29 6.32 27.54 10.83
N TYR A 30 5.48 28.53 11.11
CA TYR A 30 5.02 28.72 12.46
C TYR A 30 3.77 27.91 12.68
N LEU A 31 3.64 27.38 13.89
CA LEU A 31 2.42 26.73 14.32
C LEU A 31 1.73 27.64 15.32
N PRO A 32 0.48 28.02 15.03
CA PRO A 32 -0.26 28.93 15.91
C PRO A 32 -0.31 28.42 17.35
N ASP A 33 -0.58 29.31 18.29
CA ASP A 33 -0.61 28.94 19.71
C ASP A 33 -2.04 28.67 20.14
N ASN A 34 -2.99 29.14 19.34
CA ASN A 34 -4.41 28.91 19.61
C ASN A 34 -5.07 28.04 18.53
N ILE A 35 -5.97 27.15 18.96
CA ILE A 35 -6.84 26.43 18.03
C ILE A 35 -8.30 26.84 18.26
N ASN A 36 -9.17 26.48 17.33
CA ASN A 36 -10.57 26.85 17.40
C ASN A 36 -11.46 25.67 17.77
N GLU A 37 -12.75 25.95 17.97
CA GLU A 37 -13.71 24.89 18.21
C GLU A 37 -13.73 23.94 17.03
N GLY A 38 -14.02 22.66 17.31
CA GLY A 38 -14.08 21.65 16.26
C GLY A 38 -12.72 21.20 15.77
N GLN A 39 -11.67 21.93 16.16
CA GLN A 39 -10.31 21.63 15.76
C GLN A 39 -9.50 20.95 16.86
N VAL A 40 -8.43 20.29 16.46
CA VAL A 40 -7.51 19.68 17.40
C VAL A 40 -6.08 19.90 16.92
N GLN A 41 -5.12 19.84 17.82
CA GLN A 41 -3.73 19.95 17.39
C GLN A 41 -2.99 18.66 17.70
N VAL A 42 -2.31 18.13 16.68
CA VAL A 42 -1.72 16.80 16.75
C VAL A 42 -0.20 16.82 16.58
N ARG A 43 0.50 15.96 17.30
CA ARG A 43 1.90 15.70 16.98
C ARG A 43 1.98 14.47 16.08
N THR A 44 2.56 14.65 14.90
CA THR A 44 2.66 13.59 13.89
C THR A 44 3.65 12.51 14.29
N LEU A 45 3.22 11.25 14.23
CA LEU A 45 4.11 10.17 14.67
C LEU A 45 4.72 9.42 13.50
N TYR A 46 3.87 8.95 12.58
CA TYR A 46 4.33 8.32 11.36
C TYR A 46 3.60 8.83 10.14
N LEU A 47 4.30 8.88 9.02
CA LEU A 47 3.67 9.10 7.72
C LEU A 47 3.96 7.98 6.73
N SER A 48 2.96 7.65 5.93
CA SER A 48 3.09 6.67 4.87
C SER A 48 3.59 7.31 3.58
N VAL A 49 4.37 6.57 2.80
CA VAL A 49 4.54 6.85 1.38
C VAL A 49 3.97 5.65 0.63
N ASP A 50 3.24 5.94 -0.45
CA ASP A 50 2.42 4.98 -1.18
C ASP A 50 2.53 5.23 -2.67
N PRO A 51 2.47 4.16 -3.48
CA PRO A 51 2.52 4.26 -4.96
C PRO A 51 1.43 5.10 -5.60
N TYR A 52 0.24 5.20 -5.00
CA TYR A 52 -0.80 6.04 -5.62
C TYR A 52 -0.37 7.51 -5.61
N MET A 53 0.55 7.85 -4.71
CA MET A 53 1.07 9.21 -4.61
C MET A 53 1.79 9.60 -5.87
N ARG A 54 2.21 8.63 -6.67
CA ARG A 54 2.94 8.94 -7.89
C ARG A 54 2.13 9.87 -8.80
N CYS A 55 0.86 9.56 -8.98
CA CYS A 55 0.03 10.34 -9.89
C CYS A 55 -0.23 11.77 -9.36
N ARG A 56 -0.29 11.94 -8.04
CA ARG A 56 -0.50 13.24 -7.45
C ARG A 56 0.64 14.20 -7.75
N MET A 57 1.79 13.66 -8.17
CA MET A 57 2.89 14.52 -8.57
C MET A 57 2.77 15.02 -10.02
N ASN A 58 1.81 14.48 -10.76
CA ASN A 58 1.53 15.01 -12.09
C ASN A 58 0.52 16.14 -11.99
N GLU A 59 0.40 16.94 -13.04
CA GLU A 59 -0.55 18.05 -13.07
C GLU A 59 -1.98 17.56 -13.11
N ASP A 60 -2.18 16.42 -13.75
CA ASP A 60 -3.47 15.77 -13.75
C ASP A 60 -3.26 14.35 -13.21
N THR A 61 -4.12 13.93 -12.29
CA THR A 61 -4.05 12.57 -11.76
C THR A 61 -4.78 11.58 -12.66
N GLY A 62 -5.74 12.07 -13.43
CA GLY A 62 -6.51 11.22 -14.32
C GLY A 62 -7.63 10.47 -13.62
N THR A 63 -8.20 11.10 -12.59
CA THR A 63 -9.27 10.49 -11.81
C THR A 63 -9.81 11.48 -10.78
N ASP A 64 -11.12 11.51 -10.63
CA ASP A 64 -11.76 12.40 -9.65
C ASP A 64 -11.30 12.08 -8.23
N TYR A 65 -11.29 10.81 -7.89
CA TYR A 65 -11.02 10.39 -6.52
C TYR A 65 -9.69 10.89 -5.96
N ILE A 66 -8.78 11.32 -6.84
CA ILE A 66 -7.49 11.83 -6.39
C ILE A 66 -7.16 13.17 -7.05
N THR A 67 -6.80 14.16 -6.23
CA THR A 67 -6.40 15.46 -6.74
C THR A 67 -4.90 15.63 -6.67
N PRO A 68 -4.32 16.36 -7.63
CA PRO A 68 -2.87 16.54 -7.67
C PRO A 68 -2.37 17.46 -6.56
N TRP A 69 -1.19 17.16 -6.01
CA TRP A 69 -0.56 18.11 -5.13
C TRP A 69 -0.22 19.37 -5.90
N GLN A 70 -0.21 20.50 -5.23
CA GLN A 70 0.19 21.76 -5.83
C GLN A 70 1.63 22.10 -5.46
N LEU A 71 2.31 22.79 -6.35
CA LEU A 71 3.69 23.20 -6.12
C LEU A 71 3.78 24.20 -4.95
N SER A 72 4.78 24.02 -4.10
CA SER A 72 4.99 24.94 -2.98
C SER A 72 3.93 24.83 -1.89
N GLN A 73 2.92 23.99 -2.14
CA GLN A 73 1.93 23.71 -1.14
C GLN A 73 2.25 22.41 -0.39
N VAL A 74 1.98 22.39 0.90
CA VAL A 74 2.27 21.23 1.74
C VAL A 74 1.66 19.93 1.18
N VAL A 75 2.43 18.85 1.18
CA VAL A 75 1.88 17.57 0.75
C VAL A 75 1.15 16.83 1.90
N ASP A 76 0.21 15.96 1.54
CA ASP A 76 -0.61 15.23 2.52
C ASP A 76 -0.79 13.77 2.12
N GLY A 77 -1.03 12.90 3.10
CA GLY A 77 -1.29 11.50 2.84
C GLY A 77 -1.56 10.74 4.14
N GLY A 78 -1.55 9.41 4.08
CA GLY A 78 -1.83 8.60 5.24
C GLY A 78 -0.93 8.95 6.42
N GLY A 79 -1.53 9.10 7.60
CA GLY A 79 -0.74 9.42 8.78
C GLY A 79 -1.34 8.95 10.10
N ILE A 80 -0.47 8.81 11.10
CA ILE A 80 -0.94 8.52 12.44
C ILE A 80 -0.24 9.45 13.43
N GLY A 81 -1.00 9.92 14.42
CA GLY A 81 -0.46 10.86 15.37
C GLY A 81 -1.23 10.94 16.67
N ILE A 82 -0.67 11.65 17.62
CA ILE A 82 -1.28 11.74 18.92
C ILE A 82 -1.74 13.16 19.23
N ILE A 83 -2.96 13.28 19.75
CA ILE A 83 -3.54 14.56 20.08
C ILE A 83 -2.82 15.22 21.26
N GLU A 84 -2.40 16.46 21.07
CA GLU A 84 -1.73 17.21 22.13
C GLU A 84 -2.70 18.17 22.82
N GLU A 85 -3.75 18.52 22.09
CA GLU A 85 -4.81 19.38 22.62
C GLU A 85 -6.01 19.27 21.68
N SER A 86 -7.22 19.37 22.23
CA SER A 86 -8.40 19.31 21.39
C SER A 86 -9.53 20.19 21.89
N LYS A 87 -10.25 20.78 20.94
CA LYS A 87 -11.52 21.43 21.19
C LYS A 87 -12.55 20.72 20.35
N HIS A 88 -12.32 19.44 20.11
CA HIS A 88 -13.30 18.60 19.44
C HIS A 88 -13.88 17.63 20.45
N THR A 89 -15.20 17.54 20.48
CA THR A 89 -15.90 16.85 21.54
C THR A 89 -15.59 15.36 21.65
N ASN A 90 -15.38 14.69 20.52
CA ASN A 90 -15.12 13.25 20.50
C ASN A 90 -13.64 12.90 20.66
N LEU A 91 -12.81 13.91 20.88
CA LEU A 91 -11.37 13.72 20.95
C LEU A 91 -10.77 14.46 22.12
N THR A 92 -9.81 13.83 22.79
CA THR A 92 -9.11 14.47 23.90
C THR A 92 -7.62 14.15 23.84
N LYS A 93 -6.83 14.93 24.57
CA LYS A 93 -5.39 14.75 24.66
C LYS A 93 -5.00 13.29 24.89
N GLY A 94 -4.04 12.81 24.11
CA GLY A 94 -3.54 11.45 24.31
C GLY A 94 -4.18 10.40 23.44
N ASP A 95 -5.29 10.76 22.80
CA ASP A 95 -5.88 9.88 21.81
C ASP A 95 -4.92 9.68 20.64
N PHE A 96 -4.95 8.48 20.06
CA PHE A 96 -4.19 8.22 18.86
C PHE A 96 -5.16 8.24 17.70
N VAL A 97 -4.82 8.98 16.66
CA VAL A 97 -5.75 9.19 15.56
C VAL A 97 -5.04 9.03 14.23
N THR A 98 -5.82 8.75 13.20
CA THR A 98 -5.30 8.66 11.85
C THR A 98 -6.15 9.46 10.89
N SER A 99 -5.57 9.73 9.73
CA SER A 99 -6.22 10.47 8.66
C SER A 99 -5.56 10.07 7.34
N PHE A 100 -6.36 10.03 6.28
N PHE A 100 -6.34 10.06 6.27
CA PHE A 100 -5.85 9.78 4.95
CA PHE A 100 -5.80 9.77 4.96
C PHE A 100 -5.13 11.03 4.45
C PHE A 100 -5.22 11.05 4.36
N TYR A 101 -5.50 12.18 5.00
CA TYR A 101 -5.02 13.47 4.52
C TYR A 101 -4.22 14.20 5.59
N TRP A 102 -3.21 13.54 6.13
CA TRP A 102 -2.34 14.14 7.11
C TRP A 102 -1.24 14.97 6.42
N PRO A 103 -1.16 16.28 6.72
CA PRO A 103 -0.13 17.09 6.07
C PRO A 103 1.25 16.61 6.50
N TRP A 104 2.21 16.59 5.59
CA TRP A 104 3.55 16.19 5.97
C TRP A 104 4.14 17.33 6.75
N GLN A 105 3.93 17.31 8.05
CA GLN A 105 4.37 18.38 8.93
C GLN A 105 4.44 17.81 10.34
N THR A 106 5.37 18.28 11.15
CA THR A 106 5.66 17.61 12.42
C THR A 106 4.61 17.83 13.49
N LYS A 107 4.10 19.05 13.59
CA LYS A 107 2.90 19.30 14.39
C LYS A 107 1.94 20.09 13.55
N VAL A 108 0.65 19.82 13.72
CA VAL A 108 -0.31 20.32 12.77
C VAL A 108 -1.66 20.52 13.46
N ILE A 109 -2.42 21.50 12.98
CA ILE A 109 -3.78 21.72 13.47
C ILE A 109 -4.75 21.25 12.42
N LEU A 110 -5.70 20.42 12.82
CA LEU A 110 -6.60 19.78 11.87
C LEU A 110 -8.04 19.93 12.30
N ASP A 111 -8.95 19.67 11.37
CA ASP A 111 -10.36 19.64 11.67
C ASP A 111 -10.71 18.30 12.31
N GLY A 112 -11.31 18.37 13.49
CA GLY A 112 -11.56 17.17 14.28
C GLY A 112 -12.34 16.07 13.59
N ASN A 113 -13.04 16.41 12.51
CA ASN A 113 -13.89 15.43 11.83
C ASN A 113 -13.11 14.56 10.86
N SER A 114 -11.99 15.09 10.36
CA SER A 114 -11.15 14.35 9.42
C SER A 114 -10.32 13.26 10.09
N LEU A 115 -10.40 13.16 11.40
CA LEU A 115 -9.63 12.16 12.14
C LEU A 115 -10.50 11.00 12.62
N GLU A 116 -9.85 9.85 12.81
CA GLU A 116 -10.46 8.67 13.44
C GLU A 116 -9.54 8.18 14.55
N LYS A 117 -10.12 7.93 15.72
CA LYS A 117 -9.42 7.34 16.87
C LYS A 117 -9.06 5.86 16.67
N VAL A 118 -7.80 5.50 16.86
CA VAL A 118 -7.37 4.12 16.73
C VAL A 118 -7.07 3.47 18.10
N ASP A 119 -7.21 2.15 18.18
CA ASP A 119 -7.00 1.43 19.43
C ASP A 119 -5.69 0.65 19.39
N PRO A 120 -4.62 1.23 19.94
CA PRO A 120 -3.29 0.61 19.94
C PRO A 120 -3.31 -0.86 20.39
N GLN A 121 -4.37 -1.27 21.09
CA GLN A 121 -4.48 -2.67 21.47
C GLN A 121 -4.51 -3.56 20.24
N LEU A 122 -5.03 -3.03 19.12
CA LEU A 122 -5.13 -3.83 17.90
C LEU A 122 -3.77 -4.15 17.30
N VAL A 123 -2.79 -3.29 17.54
CA VAL A 123 -1.51 -3.44 16.91
C VAL A 123 -0.43 -3.67 17.93
N ASP A 124 -0.83 -4.00 19.15
CA ASP A 124 0.13 -4.25 20.21
C ASP A 124 1.09 -3.08 20.38
N GLY A 125 0.55 -1.88 20.34
CA GLY A 125 1.35 -0.68 20.56
C GLY A 125 2.24 -0.28 19.39
N HIS A 126 2.22 -1.06 18.33
CA HIS A 126 2.99 -0.77 17.13
C HIS A 126 2.19 0.12 16.18
N LEU A 127 2.09 1.40 16.51
CA LEU A 127 1.18 2.30 15.79
C LEU A 127 1.37 2.31 14.27
N SER A 128 2.60 2.20 13.79
CA SER A 128 2.84 2.25 12.37
C SER A 128 2.06 1.18 11.59
N TYR A 129 1.74 0.03 12.21
CA TYR A 129 0.99 -1.02 11.51
C TYR A 129 -0.37 -0.52 11.04
N PHE A 130 -0.89 0.51 11.70
CA PHE A 130 -2.14 1.13 11.26
C PHE A 130 -2.06 1.76 9.85
N LEU A 131 -0.84 1.94 9.31
CA LEU A 131 -0.67 2.50 7.96
C LEU A 131 -0.26 1.44 6.97
N GLY A 132 -0.17 0.21 7.46
CA GLY A 132 0.26 -0.91 6.63
C GLY A 132 -0.63 -2.13 6.79
N ALA A 133 -0.08 -3.16 7.43
CA ALA A 133 -0.74 -4.47 7.47
C ALA A 133 -2.05 -4.44 8.23
N ILE A 134 -2.18 -3.54 9.20
CA ILE A 134 -3.44 -3.35 9.91
C ILE A 134 -4.04 -2.01 9.52
N GLY A 135 -3.83 -1.63 8.26
CA GLY A 135 -4.41 -0.43 7.71
C GLY A 135 -4.84 -0.68 6.27
N MET A 136 -4.81 0.39 5.50
CA MET A 136 -5.25 0.42 4.12
C MET A 136 -4.67 -0.67 3.23
N PRO A 137 -3.32 -0.89 3.28
CA PRO A 137 -2.83 -1.99 2.44
C PRO A 137 -3.28 -3.39 2.87
N GLY A 138 -3.44 -3.63 4.15
CA GLY A 138 -3.92 -4.93 4.64
C GLY A 138 -5.35 -5.15 4.22
N LEU A 139 -6.19 -4.14 4.43
CA LEU A 139 -7.57 -4.17 3.96
C LEU A 139 -7.62 -4.43 2.45
N THR A 140 -6.84 -3.68 1.67
CA THR A 140 -6.86 -3.85 0.21
C THR A 140 -6.63 -5.34 -0.16
N SER A 141 -5.63 -5.95 0.46
CA SER A 141 -5.35 -7.36 0.23
C SER A 141 -6.47 -8.32 0.69
N LEU A 142 -6.93 -8.16 1.93
CA LEU A 142 -7.96 -9.04 2.46
C LEU A 142 -9.28 -8.85 1.73
N ILE A 143 -9.69 -7.60 1.55
CA ILE A 143 -10.94 -7.33 0.88
C ILE A 143 -10.84 -7.72 -0.61
N GLY A 144 -9.71 -7.42 -1.24
CA GLY A 144 -9.47 -7.83 -2.61
C GLY A 144 -9.61 -9.32 -2.83
N ILE A 145 -8.90 -10.10 -2.02
CA ILE A 145 -8.99 -11.55 -2.10
C ILE A 145 -10.43 -12.02 -1.86
N GLN A 146 -11.09 -11.39 -0.90
CA GLN A 146 -12.46 -11.68 -0.54
C GLN A 146 -13.44 -11.40 -1.67
N GLU A 147 -13.36 -10.21 -2.27
CA GLU A 147 -14.32 -9.79 -3.28
C GLU A 147 -14.00 -10.27 -4.69
N LYS A 148 -12.74 -10.53 -4.97
CA LYS A 148 -12.34 -10.74 -6.34
C LYS A 148 -11.63 -12.07 -6.54
N GLY A 149 -11.22 -12.67 -5.42
CA GLY A 149 -10.38 -13.85 -5.47
C GLY A 149 -11.13 -15.14 -5.75
N HIS A 150 -12.37 -15.22 -5.27
CA HIS A 150 -13.19 -16.43 -5.42
C HIS A 150 -12.46 -17.66 -4.93
N ILE A 151 -11.78 -17.53 -3.80
CA ILE A 151 -11.23 -18.68 -3.13
C ILE A 151 -12.31 -19.30 -2.24
N THR A 152 -12.51 -20.61 -2.42
CA THR A 152 -13.43 -21.38 -1.59
C THR A 152 -12.61 -22.29 -0.71
N ALA A 153 -13.11 -22.58 0.49
CA ALA A 153 -12.55 -23.66 1.29
C ALA A 153 -13.01 -24.96 0.64
N GLY A 154 -12.09 -25.90 0.48
CA GLY A 154 -12.39 -27.13 -0.22
C GLY A 154 -11.76 -27.10 -1.60
N SER A 155 -11.25 -25.93 -1.97
CA SER A 155 -10.49 -25.79 -3.19
C SER A 155 -9.02 -25.87 -2.85
N ASN A 156 -8.21 -26.16 -3.84
CA ASN A 156 -6.76 -26.21 -3.67
C ASN A 156 -6.10 -25.37 -4.76
N LYS A 157 -6.52 -24.11 -4.82
CA LYS A 157 -6.09 -23.21 -5.87
C LYS A 157 -4.63 -22.79 -5.67
N THR A 158 -3.96 -22.47 -6.77
CA THR A 158 -2.65 -21.82 -6.69
C THR A 158 -2.86 -20.31 -6.83
N MET A 159 -2.21 -19.54 -5.96
CA MET A 159 -2.24 -18.09 -6.07
C MET A 159 -0.84 -17.62 -6.40
N VAL A 160 -0.75 -16.62 -7.26
CA VAL A 160 0.49 -15.92 -7.53
C VAL A 160 0.32 -14.48 -7.10
N VAL A 161 1.37 -13.96 -6.46
CA VAL A 161 1.37 -12.55 -6.07
C VAL A 161 2.48 -11.80 -6.79
N SER A 162 2.16 -10.72 -7.49
CA SER A 162 3.22 -9.82 -7.93
C SER A 162 3.47 -8.79 -6.82
N GLY A 163 4.56 -8.05 -6.88
CA GLY A 163 4.91 -7.12 -5.80
C GLY A 163 4.83 -7.77 -4.42
N ALA A 164 5.32 -9.01 -4.32
CA ALA A 164 4.95 -9.90 -3.23
C ALA A 164 5.62 -9.58 -1.88
N ALA A 165 6.57 -8.67 -1.91
CA ALA A 165 7.25 -8.31 -0.68
C ALA A 165 7.03 -6.85 -0.35
N GLY A 166 6.07 -6.22 -1.02
CA GLY A 166 5.68 -4.88 -0.66
C GLY A 166 4.62 -4.99 0.42
N ALA A 167 3.95 -3.88 0.72
CA ALA A 167 2.88 -3.79 1.73
C ALA A 167 1.73 -4.70 1.43
N CYS A 168 0.99 -4.41 0.37
CA CYS A 168 -0.08 -5.30 -0.05
C CYS A 168 0.32 -6.77 -0.31
N GLY A 169 1.40 -6.96 -1.06
CA GLY A 169 1.71 -8.30 -1.55
C GLY A 169 2.14 -9.22 -0.41
N SER A 170 2.92 -8.73 0.56
CA SER A 170 3.40 -9.63 1.65
C SER A 170 2.19 -10.13 2.45
N VAL A 171 1.20 -9.25 2.58
CA VAL A 171 -0.02 -9.62 3.29
C VAL A 171 -0.94 -10.51 2.44
N ALA A 172 -1.10 -10.18 1.15
CA ALA A 172 -2.02 -10.91 0.27
C ALA A 172 -1.68 -12.38 0.27
N GLY A 173 -0.38 -12.67 0.21
CA GLY A 173 0.08 -14.03 0.05
C GLY A 173 -0.08 -14.90 1.29
N GLN A 174 -0.10 -14.29 2.47
CA GLN A 174 -0.40 -15.05 3.68
C GLN A 174 -1.91 -15.26 3.78
N ILE A 175 -2.68 -14.24 3.46
CA ILE A 175 -4.13 -14.36 3.47
C ILE A 175 -4.56 -15.48 2.54
N GLY A 176 -3.86 -15.62 1.41
CA GLY A 176 -4.12 -16.69 0.48
C GLY A 176 -4.09 -18.04 1.16
N HIS A 177 -3.05 -18.29 1.95
CA HIS A 177 -2.98 -19.53 2.72
C HIS A 177 -4.11 -19.65 3.73
N PHE A 178 -4.25 -18.61 4.56
CA PHE A 178 -5.30 -18.58 5.59
C PHE A 178 -6.66 -18.98 5.02
N LEU A 179 -6.90 -18.57 3.78
CA LEU A 179 -8.22 -18.75 3.19
C LEU A 179 -8.27 -20.00 2.33
N GLY A 180 -7.24 -20.84 2.42
CA GLY A 180 -7.30 -22.16 1.83
C GLY A 180 -6.77 -22.37 0.42
N CYS A 181 -5.81 -21.57 -0.01
CA CYS A 181 -5.07 -21.92 -1.21
C CYS A 181 -4.13 -23.04 -0.81
N SER A 182 -3.81 -23.94 -1.73
CA SER A 182 -2.86 -24.97 -1.39
C SER A 182 -1.44 -24.57 -1.78
N ARG A 183 -1.32 -23.48 -2.53
CA ARG A 183 -0.02 -23.06 -3.05
C ARG A 183 0.05 -21.54 -3.33
N VAL A 184 1.01 -20.85 -2.73
CA VAL A 184 1.19 -19.42 -2.95
C VAL A 184 2.61 -19.12 -3.44
N VAL A 185 2.72 -18.40 -4.55
CA VAL A 185 3.99 -18.17 -5.17
C VAL A 185 4.20 -16.65 -5.38
N GLY A 186 5.40 -16.18 -5.05
CA GLY A 186 5.68 -14.77 -4.97
C GLY A 186 6.62 -14.29 -6.05
N ILE A 187 6.37 -13.11 -6.61
CA ILE A 187 7.32 -12.51 -7.53
C ILE A 187 7.74 -11.17 -6.97
N CYS A 188 9.04 -11.00 -6.77
CA CYS A 188 9.59 -9.78 -6.19
C CYS A 188 10.89 -9.46 -6.91
N GLY A 189 11.50 -8.33 -6.58
CA GLY A 189 12.65 -7.89 -7.32
C GLY A 189 14.02 -8.10 -6.72
N THR A 190 14.17 -8.85 -5.61
CA THR A 190 15.51 -9.05 -5.03
C THR A 190 15.70 -10.46 -4.44
N HIS A 191 16.95 -10.95 -4.34
CA HIS A 191 17.13 -12.27 -3.73
C HIS A 191 16.75 -12.26 -2.24
N GLU A 192 17.15 -11.19 -1.57
CA GLU A 192 16.81 -11.00 -0.18
C GLU A 192 15.28 -11.03 0.06
N LYS A 193 14.53 -10.47 -0.88
CA LYS A 193 13.06 -10.52 -0.79
C LYS A 193 12.50 -11.92 -0.99
N CYS A 194 13.07 -12.67 -1.91
CA CYS A 194 12.63 -14.04 -2.09
C CYS A 194 12.77 -14.86 -0.79
N ILE A 195 13.82 -14.58 -0.04
CA ILE A 195 14.09 -15.35 1.17
C ILE A 195 13.03 -15.09 2.23
N LEU A 196 12.75 -13.82 2.44
CA LEU A 196 11.69 -13.39 3.32
C LEU A 196 10.40 -14.16 3.04
N LEU A 197 10.06 -14.25 1.77
CA LEU A 197 8.77 -14.81 1.40
C LEU A 197 8.71 -16.29 1.75
N THR A 198 9.74 -17.04 1.40
CA THR A 198 9.69 -18.49 1.55
C THR A 198 9.97 -18.92 2.99
N SER A 199 10.79 -18.13 3.68
CA SER A 199 11.26 -18.53 5.01
C SER A 199 10.48 -17.85 6.13
N GLU A 200 9.93 -16.67 5.88
CA GLU A 200 9.23 -15.94 6.94
C GLU A 200 7.74 -15.84 6.71
N LEU A 201 7.35 -15.47 5.50
CA LEU A 201 5.95 -15.28 5.16
C LEU A 201 5.31 -16.56 4.63
N GLY A 202 6.07 -17.66 4.63
CA GLY A 202 5.55 -18.96 4.24
C GLY A 202 4.97 -19.10 2.83
N PHE A 203 5.44 -18.29 1.89
CA PHE A 203 5.10 -18.50 0.49
C PHE A 203 5.71 -19.84 0.15
N ASP A 204 5.00 -20.65 -0.62
CA ASP A 204 5.56 -21.93 -1.03
C ASP A 204 6.75 -21.72 -1.96
N ALA A 205 6.77 -20.61 -2.69
CA ALA A 205 7.82 -20.39 -3.70
C ALA A 205 8.04 -18.91 -4.01
N ALA A 206 9.28 -18.59 -4.39
CA ALA A 206 9.62 -17.18 -4.63
C ALA A 206 10.38 -16.95 -5.94
N ILE A 207 9.95 -15.99 -6.76
CA ILE A 207 10.70 -15.73 -7.97
C ILE A 207 11.20 -14.28 -8.02
N ASN A 208 12.43 -14.09 -8.51
CA ASN A 208 13.01 -12.76 -8.72
C ASN A 208 12.89 -12.37 -10.19
N TYR A 209 12.10 -11.35 -10.48
CA TYR A 209 11.79 -11.01 -11.87
C TYR A 209 12.94 -10.30 -12.59
N LYS A 210 13.95 -9.88 -11.84
CA LYS A 210 15.08 -9.17 -12.41
C LYS A 210 16.19 -10.10 -12.87
N LYS A 211 16.33 -11.23 -12.19
CA LYS A 211 17.49 -12.08 -12.38
C LYS A 211 17.09 -13.49 -12.76
N ASP A 212 15.79 -13.74 -12.78
CA ASP A 212 15.28 -15.07 -13.08
C ASP A 212 14.50 -15.07 -14.39
N ASN A 213 14.24 -16.25 -14.92
CA ASN A 213 13.31 -16.42 -16.02
C ASN A 213 11.95 -16.74 -15.40
N VAL A 214 11.07 -15.75 -15.38
CA VAL A 214 9.82 -15.88 -14.65
C VAL A 214 8.97 -17.03 -15.17
N ALA A 215 8.86 -17.14 -16.50
CA ALA A 215 7.95 -18.12 -17.10
C ALA A 215 8.35 -19.54 -16.75
N GLU A 216 9.63 -19.85 -16.94
CA GLU A 216 10.15 -21.18 -16.63
C GLU A 216 9.91 -21.45 -15.16
N GLN A 217 10.16 -20.43 -14.35
CA GLN A 217 10.05 -20.57 -12.92
C GLN A 217 8.62 -20.80 -12.45
N LEU A 218 7.65 -20.15 -13.10
CA LEU A 218 6.26 -20.34 -12.74
C LEU A 218 5.84 -21.74 -13.15
N ARG A 219 6.33 -22.20 -14.30
CA ARG A 219 6.05 -23.57 -14.72
C ARG A 219 6.44 -24.58 -13.65
N GLU A 220 7.62 -24.43 -13.07
CA GLU A 220 8.08 -25.37 -12.04
C GLU A 220 7.26 -25.24 -10.76
N SER A 221 6.94 -23.99 -10.42
CA SER A 221 6.35 -23.64 -9.14
C SER A 221 4.84 -23.74 -9.16
N CYS A 222 4.25 -23.63 -10.34
CA CYS A 222 2.80 -23.70 -10.47
C CYS A 222 2.39 -24.81 -11.44
N PRO A 223 2.81 -26.05 -11.15
CA PRO A 223 2.62 -27.22 -12.02
C PRO A 223 1.17 -27.44 -12.41
N ALA A 224 0.22 -26.95 -11.61
CA ALA A 224 -1.20 -27.06 -11.92
C ALA A 224 -1.82 -25.77 -12.47
N GLY A 225 -1.00 -24.80 -12.84
CA GLY A 225 -1.53 -23.53 -13.34
C GLY A 225 -1.98 -22.60 -12.23
N VAL A 226 -2.24 -21.35 -12.60
CA VAL A 226 -2.53 -20.30 -11.63
C VAL A 226 -4.02 -20.01 -11.61
N ASP A 227 -4.62 -20.11 -10.43
CA ASP A 227 -6.04 -19.86 -10.30
C ASP A 227 -6.32 -18.46 -9.82
N VAL A 228 -5.41 -17.93 -9.00
CA VAL A 228 -5.53 -16.54 -8.52
C VAL A 228 -4.27 -15.75 -8.78
N TYR A 229 -4.41 -14.59 -9.40
CA TYR A 229 -3.30 -13.68 -9.55
C TYR A 229 -3.62 -12.39 -8.80
N PHE A 230 -2.92 -12.19 -7.68
CA PHE A 230 -2.94 -10.90 -6.97
C PHE A 230 -1.90 -9.99 -7.63
N ASP A 231 -2.39 -9.04 -8.42
CA ASP A 231 -1.54 -8.24 -9.27
C ASP A 231 -1.34 -6.81 -8.71
N ASN A 232 -0.12 -6.50 -8.31
CA ASN A 232 0.31 -5.17 -7.88
C ASN A 232 1.17 -4.44 -8.91
N VAL A 233 1.57 -5.12 -9.98
CA VAL A 233 2.63 -4.56 -10.83
C VAL A 233 2.28 -4.35 -12.30
N GLY A 234 1.56 -5.29 -12.90
CA GLY A 234 1.21 -5.12 -14.31
C GLY A 234 2.38 -5.31 -15.27
N GLY A 235 2.24 -4.72 -16.47
CA GLY A 235 3.27 -4.85 -17.50
C GLY A 235 3.67 -6.29 -17.82
N ASN A 236 4.95 -6.48 -18.10
CA ASN A 236 5.45 -7.72 -18.67
C ASN A 236 5.34 -8.91 -17.73
N ILE A 237 5.46 -8.66 -16.44
CA ILE A 237 5.30 -9.73 -15.47
C ILE A 237 3.86 -10.23 -15.48
N SER A 238 2.90 -9.31 -15.46
CA SER A 238 1.52 -9.76 -15.51
C SER A 238 1.28 -10.58 -16.78
N ASP A 239 1.98 -10.22 -17.86
CA ASP A 239 1.79 -10.91 -19.14
C ASP A 239 2.21 -12.35 -19.03
N THR A 240 3.39 -12.57 -18.43
CA THR A 240 3.84 -13.91 -18.14
C THR A 240 2.83 -14.65 -17.25
N VAL A 241 2.36 -14.03 -16.17
CA VAL A 241 1.51 -14.78 -15.24
C VAL A 241 0.17 -15.18 -15.88
N ILE A 242 -0.42 -14.28 -16.62
CA ILE A 242 -1.72 -14.49 -17.22
C ILE A 242 -1.67 -15.60 -18.29
N SER A 243 -0.56 -15.66 -19.02
CA SER A 243 -0.35 -16.70 -20.01
C SER A 243 -0.42 -18.07 -19.38
N GLN A 244 -0.38 -18.14 -18.05
CA GLN A 244 -0.32 -19.44 -17.39
C GLN A 244 -1.47 -19.63 -16.43
N MET A 245 -2.48 -18.79 -16.57
CA MET A 245 -3.65 -18.91 -15.71
C MET A 245 -4.66 -19.92 -16.23
N ASN A 246 -5.27 -20.65 -15.31
CA ASN A 246 -6.24 -21.69 -15.64
C ASN A 246 -7.56 -21.09 -16.12
N GLU A 247 -8.47 -21.96 -16.56
CA GLU A 247 -9.76 -21.54 -17.03
C GLU A 247 -10.58 -21.01 -15.86
N ASN A 248 -11.28 -19.90 -16.10
CA ASN A 248 -12.13 -19.29 -15.09
C ASN A 248 -11.38 -18.79 -13.88
N SER A 249 -10.06 -18.61 -14.02
CA SER A 249 -9.24 -18.11 -12.94
C SER A 249 -9.55 -16.64 -12.66
N HIS A 250 -8.90 -16.05 -11.65
CA HIS A 250 -9.18 -14.67 -11.27
C HIS A 250 -7.94 -13.81 -11.04
N ILE A 251 -7.91 -12.67 -11.70
CA ILE A 251 -6.95 -11.62 -11.43
C ILE A 251 -7.60 -10.59 -10.51
N ILE A 252 -6.98 -10.41 -9.35
CA ILE A 252 -7.29 -9.32 -8.43
C ILE A 252 -6.43 -8.13 -8.85
N LEU A 253 -7.11 -7.14 -9.43
CA LEU A 253 -6.41 -6.05 -10.08
C LEU A 253 -6.18 -4.98 -9.05
N CYS A 254 -5.08 -5.12 -8.32
CA CYS A 254 -4.81 -4.24 -7.20
C CYS A 254 -4.08 -2.99 -7.65
N GLY A 255 -2.85 -3.15 -8.12
CA GLY A 255 -2.13 -2.06 -8.74
C GLY A 255 -1.39 -2.51 -9.97
N GLN A 256 -0.91 -1.52 -10.73
CA GLN A 256 -0.06 -1.72 -11.90
C GLN A 256 1.22 -0.87 -11.81
N ILE A 257 1.97 -1.01 -10.73
CA ILE A 257 3.07 -0.10 -10.43
C ILE A 257 4.18 0.06 -11.50
N SER A 258 4.47 -0.98 -12.30
CA SER A 258 5.46 -0.82 -13.36
C SER A 258 5.05 0.25 -14.40
N GLN A 259 3.77 0.60 -14.43
CA GLN A 259 3.28 1.63 -15.36
C GLN A 259 3.24 3.05 -14.78
N TYR A 260 3.53 3.21 -13.49
CA TYR A 260 3.20 4.50 -12.85
C TYR A 260 4.01 5.72 -13.33
N ASN A 261 5.22 5.48 -13.84
CA ASN A 261 6.03 6.54 -14.41
C ASN A 261 5.87 6.74 -15.92
N LYS A 262 4.79 6.20 -16.48
CA LYS A 262 4.53 6.34 -17.92
C LYS A 262 3.23 7.08 -18.14
N ASP A 263 3.12 7.77 -19.26
CA ASP A 263 1.90 8.50 -19.62
C ASP A 263 0.88 7.59 -20.33
N VAL A 264 0.10 6.85 -19.54
CA VAL A 264 -0.90 5.91 -20.07
C VAL A 264 -2.06 5.74 -19.10
N PRO A 265 -3.29 5.54 -19.62
CA PRO A 265 -4.46 5.59 -18.73
C PRO A 265 -4.46 4.44 -17.73
N TYR A 266 -5.20 4.60 -16.63
CA TYR A 266 -5.35 3.52 -15.65
C TYR A 266 -6.80 3.07 -15.53
N PRO A 267 -7.02 1.75 -15.54
CA PRO A 267 -5.93 0.78 -15.74
C PRO A 267 -5.55 0.62 -17.21
N PRO A 268 -4.29 0.27 -17.47
CA PRO A 268 -3.89 0.05 -18.85
C PRO A 268 -4.49 -1.26 -19.35
N PRO A 269 -4.70 -1.37 -20.66
CA PRO A 269 -5.27 -2.59 -21.23
C PRO A 269 -4.17 -3.61 -21.49
N LEU A 270 -4.49 -4.87 -21.32
CA LEU A 270 -3.63 -5.96 -21.75
C LEU A 270 -3.31 -5.80 -23.23
N SER A 271 -2.18 -6.34 -23.66
CA SER A 271 -1.86 -6.40 -25.07
C SER A 271 -2.84 -7.33 -25.78
N PRO A 272 -3.09 -7.06 -27.08
CA PRO A 272 -4.02 -7.81 -27.91
C PRO A 272 -3.94 -9.32 -27.71
N ALA A 273 -2.73 -9.87 -27.70
CA ALA A 273 -2.51 -11.31 -27.48
C ALA A 273 -2.86 -11.78 -26.08
N ILE A 274 -2.51 -10.97 -25.07
CA ILE A 274 -2.77 -11.34 -23.69
C ILE A 274 -4.25 -11.19 -23.37
N GLU A 275 -4.89 -10.20 -24.01
CA GLU A 275 -6.31 -10.01 -23.91
C GLU A 275 -7.05 -11.18 -24.53
N ALA A 276 -6.46 -11.74 -25.57
CA ALA A 276 -7.07 -12.87 -26.27
C ALA A 276 -7.12 -14.09 -25.36
N ILE A 277 -5.99 -14.38 -24.70
CA ILE A 277 -5.88 -15.46 -23.72
C ILE A 277 -6.83 -15.27 -22.56
N GLN A 278 -7.00 -14.03 -22.14
CA GLN A 278 -7.91 -13.67 -21.07
C GLN A 278 -9.35 -14.00 -21.44
N LYS A 279 -9.77 -13.60 -22.63
CA LYS A 279 -11.12 -13.93 -23.07
C LYS A 279 -11.29 -15.42 -23.32
N GLU A 280 -10.29 -16.06 -23.92
CA GLU A 280 -10.44 -17.49 -24.26
C GLU A 280 -10.55 -18.39 -23.03
N ARG A 281 -9.93 -17.98 -21.93
CA ARG A 281 -9.90 -18.83 -20.76
C ARG A 281 -10.90 -18.40 -19.70
N ASN A 282 -11.78 -17.49 -20.10
CA ASN A 282 -12.76 -16.91 -19.20
C ASN A 282 -12.13 -16.44 -17.89
N ILE A 283 -11.09 -15.62 -18.00
CA ILE A 283 -10.41 -15.06 -16.85
C ILE A 283 -11.03 -13.71 -16.45
N THR A 284 -11.28 -13.53 -15.17
CA THR A 284 -11.87 -12.28 -14.70
C THR A 284 -10.81 -11.29 -14.25
N ARG A 285 -10.96 -10.04 -14.69
CA ARG A 285 -10.02 -8.99 -14.39
C ARG A 285 -10.83 -7.70 -14.22
N GLU A 286 -11.34 -7.49 -13.02
CA GLU A 286 -12.18 -6.33 -12.78
C GLU A 286 -11.41 -5.32 -11.96
N ARG A 287 -11.80 -4.07 -12.06
CA ARG A 287 -11.15 -3.01 -11.32
C ARG A 287 -11.49 -3.16 -9.84
N PHE A 288 -10.48 -3.04 -9.00
CA PHE A 288 -10.74 -3.13 -7.58
C PHE A 288 -10.27 -1.87 -6.88
N LEU A 289 -11.20 -1.16 -6.24
CA LEU A 289 -10.86 0.00 -5.41
C LEU A 289 -11.34 -0.22 -3.99
N VAL A 290 -10.39 -0.37 -3.07
CA VAL A 290 -10.76 -0.68 -1.69
C VAL A 290 -11.70 0.37 -1.10
N LEU A 291 -11.51 1.62 -1.48
CA LEU A 291 -12.32 2.70 -0.90
C LEU A 291 -13.80 2.53 -1.19
N ASN A 292 -14.13 1.68 -2.13
CA ASN A 292 -15.53 1.32 -2.41
C ASN A 292 -16.09 0.36 -1.40
N TYR A 293 -15.31 -0.03 -0.41
CA TYR A 293 -15.76 -1.09 0.49
C TYR A 293 -15.60 -0.67 1.95
N LYS A 294 -15.86 0.61 2.20
CA LYS A 294 -15.68 1.20 3.52
C LYS A 294 -16.36 0.44 4.64
N ASP A 295 -17.54 -0.09 4.35
CA ASP A 295 -18.32 -0.77 5.38
C ASP A 295 -17.83 -2.20 5.66
N LYS A 296 -16.65 -2.54 5.15
CA LYS A 296 -16.02 -3.82 5.47
C LYS A 296 -14.72 -3.59 6.18
N PHE A 297 -14.35 -2.32 6.34
CA PHE A 297 -13.13 -1.95 7.04
C PHE A 297 -13.11 -2.46 8.50
N GLU A 298 -14.22 -2.33 9.21
CA GLU A 298 -14.30 -2.81 10.59
C GLU A 298 -13.89 -4.29 10.71
N PRO A 299 -14.69 -5.19 10.12
CA PRO A 299 -14.36 -6.62 10.15
C PRO A 299 -12.95 -6.88 9.63
N GLY A 300 -12.61 -6.20 8.54
CA GLY A 300 -11.28 -6.35 7.95
C GLY A 300 -10.19 -6.08 8.95
N ILE A 301 -10.24 -4.91 9.60
CA ILE A 301 -9.22 -4.58 10.59
C ILE A 301 -9.23 -5.56 11.75
N LEU A 302 -10.43 -5.92 12.19
CA LEU A 302 -10.58 -6.88 13.29
C LEU A 302 -9.95 -8.24 12.93
N GLN A 303 -10.11 -8.66 11.68
CA GLN A 303 -9.56 -9.93 11.25
C GLN A 303 -8.04 -9.91 11.18
N LEU A 304 -7.51 -8.87 10.55
CA LEU A 304 -6.07 -8.73 10.37
C LEU A 304 -5.37 -8.64 11.73
N SER A 305 -5.89 -7.78 12.60
CA SER A 305 -5.40 -7.69 13.98
C SER A 305 -5.41 -9.06 14.66
N GLN A 306 -6.53 -9.74 14.51
CA GLN A 306 -6.67 -11.07 15.09
C GLN A 306 -5.61 -12.04 14.59
N TRP A 307 -5.38 -12.05 13.28
CA TRP A 307 -4.36 -12.93 12.71
C TRP A 307 -2.96 -12.53 13.17
N PHE A 308 -2.73 -11.24 13.32
CA PHE A 308 -1.45 -10.78 13.79
C PHE A 308 -1.24 -11.20 15.23
N LYS A 309 -2.24 -10.93 16.06
CA LYS A 309 -2.18 -11.25 17.50
C LYS A 309 -2.15 -12.74 17.80
N GLU A 310 -2.52 -13.58 16.82
CA GLU A 310 -2.43 -15.02 16.97
C GLU A 310 -1.05 -15.54 16.59
N GLY A 311 -0.19 -14.66 16.10
CA GLY A 311 1.08 -15.07 15.54
C GLY A 311 1.00 -15.61 14.11
N LYS A 312 -0.20 -15.58 13.51
CA LYS A 312 -0.37 -16.06 12.15
C LYS A 312 0.18 -15.07 11.13
N LEU A 313 -0.42 -13.89 11.07
CA LEU A 313 -0.03 -12.85 10.12
C LEU A 313 1.30 -12.20 10.52
N LYS A 314 2.27 -12.26 9.60
CA LYS A 314 3.60 -11.68 9.86
C LYS A 314 3.66 -10.32 9.21
N ILE A 315 4.03 -9.32 10.00
CA ILE A 315 4.04 -7.95 9.51
C ILE A 315 5.46 -7.47 9.28
N LYS A 316 5.74 -7.01 8.06
CA LYS A 316 7.05 -6.45 7.75
C LYS A 316 6.87 -4.99 7.36
N GLU A 317 7.78 -4.16 7.85
CA GLU A 317 7.81 -2.75 7.50
C GLU A 317 9.27 -2.27 7.41
N THR A 318 9.50 -1.22 6.65
CA THR A 318 10.82 -0.61 6.59
C THR A 318 10.64 0.83 7.04
N VAL A 319 11.39 1.23 8.06
CA VAL A 319 11.20 2.56 8.64
C VAL A 319 12.39 3.47 8.37
N ILE A 320 12.12 4.67 7.88
CA ILE A 320 13.16 5.67 7.82
C ILE A 320 12.79 6.83 8.74
N ASN A 321 13.79 7.45 9.37
CA ASN A 321 13.51 8.48 10.36
C ASN A 321 13.66 9.87 9.81
N GLY A 322 12.74 10.75 10.17
CA GLY A 322 12.86 12.16 9.87
C GLY A 322 12.03 12.71 8.73
N LEU A 323 11.28 13.78 9.01
CA LEU A 323 10.42 14.36 7.99
C LEU A 323 11.20 14.78 6.76
N GLU A 324 12.49 15.10 6.93
CA GLU A 324 13.32 15.51 5.80
C GLU A 324 13.73 14.32 4.94
N ASN A 325 13.14 13.16 5.21
CA ASN A 325 13.43 11.96 4.44
C ASN A 325 12.21 11.41 3.73
N MET A 326 11.13 12.19 3.74
CA MET A 326 9.93 11.79 3.03
C MET A 326 10.23 11.56 1.55
N GLY A 327 10.80 12.59 0.90
CA GLY A 327 11.13 12.51 -0.52
C GLY A 327 12.00 11.29 -0.82
N ALA A 328 13.09 11.16 -0.09
CA ALA A 328 13.97 10.01 -0.28
C ALA A 328 13.25 8.69 -0.06
N ALA A 329 12.37 8.64 0.93
CA ALA A 329 11.65 7.40 1.24
C ALA A 329 10.65 7.02 0.16
N PHE A 330 10.02 8.02 -0.45
CA PHE A 330 9.12 7.77 -1.56
C PHE A 330 9.91 7.23 -2.75
N GLN A 331 11.04 7.85 -3.03
CA GLN A 331 11.91 7.42 -4.13
C GLN A 331 12.34 5.98 -3.86
N SER A 332 12.79 5.71 -2.64
CA SER A 332 13.25 4.38 -2.28
C SER A 332 12.12 3.34 -2.45
N MET A 333 10.92 3.72 -2.06
CA MET A 333 9.77 2.84 -2.19
C MET A 333 9.43 2.58 -3.65
N MET A 334 9.43 3.63 -4.46
CA MET A 334 9.09 3.49 -5.87
C MET A 334 10.07 2.56 -6.58
N THR A 335 11.25 2.38 -6.02
CA THR A 335 12.29 1.59 -6.67
C THR A 335 12.72 0.35 -5.89
N GLY A 336 11.84 -0.15 -5.03
CA GLY A 336 11.99 -1.43 -4.36
C GLY A 336 12.96 -1.45 -3.19
N GLY A 337 13.21 -0.28 -2.62
CA GLY A 337 14.04 -0.18 -1.43
C GLY A 337 13.36 -0.69 -0.17
N ASN A 338 12.03 -0.72 -0.16
CA ASN A 338 11.30 -1.19 1.01
C ASN A 338 11.03 -2.68 1.03
N ILE A 339 11.27 -3.31 2.17
CA ILE A 339 10.71 -4.64 2.43
C ILE A 339 9.46 -4.41 3.27
N GLY A 340 8.33 -4.91 2.77
CA GLY A 340 7.07 -4.63 3.41
C GLY A 340 6.77 -3.14 3.35
N LYS A 341 5.94 -2.66 4.27
CA LYS A 341 5.44 -1.30 4.25
C LYS A 341 6.55 -0.26 4.48
N GLN A 342 6.66 0.70 3.57
CA GLN A 342 7.55 1.85 3.73
C GLN A 342 6.92 2.89 4.65
N ILE A 343 7.54 3.11 5.80
CA ILE A 343 6.99 3.97 6.86
C ILE A 343 8.02 5.04 7.21
N VAL A 344 7.58 6.26 7.49
CA VAL A 344 8.53 7.29 7.96
C VAL A 344 8.24 7.73 9.40
N CYS A 345 9.19 7.48 10.30
CA CYS A 345 9.03 7.89 11.68
C CYS A 345 9.39 9.36 11.87
N ILE A 346 8.39 10.14 12.25
CA ILE A 346 8.46 11.57 12.28
C ILE A 346 8.88 12.08 13.64
N SER A 347 8.75 11.22 14.65
CA SER A 347 8.95 11.64 16.04
C SER A 347 10.08 10.91 16.77
N GLU A 348 10.67 11.60 17.75
CA GLU A 348 11.66 11.00 18.64
C GLU A 348 10.95 10.10 19.66
N GLU A 349 9.62 10.17 19.63
CA GLU A 349 8.78 9.35 20.50
C GLU A 349 8.84 7.87 20.12
PA NAP B . 4.81 -1.71 -2.00
O1A NAP B . 4.97 -1.95 -0.38
O2A NAP B . 4.42 -2.95 -2.67
O5B NAP B . 6.14 -1.06 -2.68
C5B NAP B . 6.08 -0.82 -4.06
C4B NAP B . 6.91 -1.88 -4.76
O4B NAP B . 6.62 -2.11 -6.13
C3B NAP B . 8.42 -1.75 -4.61
O3B NAP B . 8.81 -2.08 -3.29
C2B NAP B . 9.00 -2.64 -5.72
O2B NAP B . 9.53 -3.86 -5.22
C1B NAP B . 7.76 -2.84 -6.64
N9A NAP B . 8.05 -2.21 -7.93
C8A NAP B . 8.31 -0.88 -8.15
N7A NAP B . 8.49 -0.74 -9.57
C5A NAP B . 8.32 -2.01 -10.16
C6A NAP B . 8.39 -2.48 -11.55
N6A NAP B . 8.65 -1.52 -12.59
N1A NAP B . 8.19 -3.74 -11.84
C2A NAP B . 7.90 -4.69 -10.84
N3A NAP B . 7.84 -4.22 -9.46
C4A NAP B . 8.04 -2.93 -9.19
O3 NAP B . 3.65 -0.56 -2.20
PN NAP B . 2.07 -0.99 -1.89
O1N NAP B . 1.87 -2.48 -1.29
O2N NAP B . 1.54 0.04 -0.98
O5D NAP B . 1.25 -0.98 -3.32
C5D NAP B . 1.58 -1.99 -4.24
C4D NAP B . 0.52 -1.98 -5.34
O4D NAP B . -0.88 -2.03 -4.77
C3D NAP B . 0.51 -0.69 -6.22
O3D NAP B . 0.30 -0.94 -7.57
C2D NAP B . -0.57 0.15 -5.60
O2D NAP B . -0.97 1.24 -6.37
C1D NAP B . -1.60 -0.93 -5.36
N1N NAP B . -2.64 -0.50 -4.40
C2N NAP B . -4.04 -0.61 -4.78
C3N NAP B . -5.16 -0.19 -3.82
C7N NAP B . -6.59 -0.21 -4.36
O7N NAP B . -7.53 0.27 -3.76
N7N NAP B . -6.79 -0.97 -5.57
C4N NAP B . -4.85 0.26 -2.37
C5N NAP B . -3.34 0.17 -2.00
C6N NAP B . -2.27 -0.20 -3.02
P2B NAP B . 10.37 -5.02 -6.09
O1X NAP B . 10.38 -4.65 -7.68
O2X NAP B . 11.95 -5.04 -5.60
O3X NAP B . 9.73 -6.30 -5.78
#